data_3G1V
#
_entry.id   3G1V
#
_cell.length_a   56.620
_cell.length_b   56.620
_cell.length_c   127.443
_cell.angle_alpha   90.00
_cell.angle_beta   90.00
_cell.angle_gamma   90.00
#
_symmetry.space_group_name_H-M   'P 41'
#
loop_
_entity.id
_entity.type
_entity.pdbx_description
1 polymer "Orotidine 5'-phosphate decarboxylase"
2 non-polymer "5-FLUORO-URIDINE-5'-MONOPHOSPHATE"
3 non-polymer 'CHLORIDE ION'
4 water water
#
_entity_poly.entity_id   1
_entity_poly.type   'polypeptide(L)'
_entity_poly.pdbx_seq_one_letter_code
;MRSRRVDVMDVMNRLILAMDLMNRDDALRVTGEVREYIDTVKIGYPLVLSEGMDIIAEFRKRFGCRIIAGFKVADIPETN
EKICRATFKAGADAIIVHGFPGADSVRACLNVAEEMGREVFLLTEMSHPGAEMFIQGAADEIARMGVDLGVKNYVGPSTR
PERLSRLREIIGQDSFLISPGVGAQGGDPGETLRFADAIIVGRSIYLADNPAAAAAGIIESIKDLLNP
;
_entity_poly.pdbx_strand_id   A,B
#
loop_
_chem_comp.id
_chem_comp.type
_chem_comp.name
_chem_comp.formula
5FU RNA linking 5-FLUORO-URIDINE-5'-MONOPHOSPHATE 'C9 H12 F N2 O9 P'
CL non-polymer 'CHLORIDE ION' 'Cl -1'
#
# COMPACT_ATOMS: atom_id res chain seq x y z
N VAL A 11 23.52 9.21 -2.09
CA VAL A 11 22.99 8.75 -3.40
C VAL A 11 23.72 9.43 -4.55
N MET A 12 24.19 8.64 -5.51
CA MET A 12 24.92 9.19 -6.63
C MET A 12 24.11 10.24 -7.39
N ASN A 13 24.72 11.39 -7.62
CA ASN A 13 24.11 12.51 -8.32
C ASN A 13 22.80 12.99 -7.71
N ARG A 14 22.55 12.61 -6.46
CA ARG A 14 21.32 13.01 -5.76
C ARG A 14 20.09 12.65 -6.58
N LEU A 15 20.24 11.63 -7.43
CA LEU A 15 19.17 11.21 -8.32
C LEU A 15 18.74 9.76 -8.17
N ILE A 16 17.49 9.56 -7.80
CA ILE A 16 16.93 8.22 -7.62
C ILE A 16 15.92 7.97 -8.74
N LEU A 17 16.14 6.91 -9.50
CA LEU A 17 15.24 6.56 -10.58
C LEU A 17 14.02 5.79 -10.08
N ALA A 18 12.83 6.29 -10.39
CA ALA A 18 11.60 5.60 -10.01
C ALA A 18 11.27 4.75 -11.25
N MET A 19 11.58 3.46 -11.17
CA MET A 19 11.35 2.57 -12.30
C MET A 19 9.98 1.91 -12.22
N ASP A 20 9.00 2.61 -12.81
CA ASP A 20 7.62 2.15 -12.81
C ASP A 20 7.13 1.56 -14.13
N LEU A 21 8.04 1.20 -15.03
CA LEU A 21 7.63 0.54 -16.25
C LEU A 21 7.14 -0.82 -15.76
N MET A 22 6.28 -1.49 -16.53
CA MET A 22 5.69 -2.73 -16.06
C MET A 22 6.05 -4.07 -16.71
N ASN A 23 7.14 -4.10 -17.46
CA ASN A 23 7.60 -5.34 -18.03
C ASN A 23 9.10 -5.35 -17.87
N ARG A 24 9.66 -6.51 -17.57
CA ARG A 24 11.09 -6.63 -17.32
C ARG A 24 12.02 -6.12 -18.41
N ASP A 25 11.74 -6.47 -19.67
CA ASP A 25 12.60 -6.02 -20.75
C ASP A 25 12.75 -4.50 -20.80
N ASP A 26 11.63 -3.80 -20.80
CA ASP A 26 11.65 -2.34 -20.84
C ASP A 26 12.29 -1.75 -19.59
N ALA A 27 11.91 -2.25 -18.42
CA ALA A 27 12.46 -1.75 -17.17
C ALA A 27 13.96 -1.92 -17.12
N LEU A 28 14.45 -3.10 -17.48
CA LEU A 28 15.88 -3.36 -17.48
C LEU A 28 16.61 -2.56 -18.56
N ARG A 29 16.01 -2.44 -19.74
CA ARG A 29 16.64 -1.72 -20.83
C ARG A 29 16.83 -0.24 -20.49
N VAL A 30 15.77 0.39 -20.00
CA VAL A 30 15.84 1.81 -19.67
C VAL A 30 16.80 2.05 -18.50
N THR A 31 16.74 1.19 -17.48
CA THR A 31 17.64 1.37 -16.35
C THR A 31 19.08 1.23 -16.82
N GLY A 32 19.32 0.30 -17.74
CA GLY A 32 20.66 0.11 -18.27
C GLY A 32 21.14 1.37 -18.99
N GLU A 33 20.24 2.03 -19.70
CA GLU A 33 20.58 3.24 -20.42
C GLU A 33 21.06 4.36 -19.50
N VAL A 34 20.57 4.39 -18.27
CA VAL A 34 20.96 5.44 -17.34
C VAL A 34 21.78 4.96 -16.15
N ARG A 35 22.27 3.74 -16.22
CA ARG A 35 23.03 3.19 -15.10
C ARG A 35 24.28 3.97 -14.69
N GLU A 36 24.86 4.73 -15.61
CA GLU A 36 26.06 5.50 -15.29
C GLU A 36 25.74 6.75 -14.46
N TYR A 37 24.47 7.13 -14.43
CA TYR A 37 24.06 8.34 -13.70
C TYR A 37 23.47 8.11 -12.32
N ILE A 38 23.17 6.86 -11.99
CA ILE A 38 22.55 6.56 -10.70
C ILE A 38 23.09 5.30 -10.06
N ASP A 39 22.90 5.18 -8.75
CA ASP A 39 23.32 3.99 -8.03
C ASP A 39 22.20 3.59 -7.09
N THR A 40 21.04 4.22 -7.27
CA THR A 40 19.87 3.97 -6.43
C THR A 40 18.60 3.97 -7.27
N VAL A 41 17.83 2.90 -7.18
CA VAL A 41 16.58 2.77 -7.92
C VAL A 41 15.42 2.45 -6.98
N LYS A 42 14.30 3.14 -7.19
CA LYS A 42 13.10 2.88 -6.41
C LYS A 42 12.20 2.00 -7.26
N ILE A 43 11.88 0.82 -6.75
CA ILE A 43 11.01 -0.11 -7.44
C ILE A 43 9.71 -0.19 -6.66
N GLY A 44 8.58 -0.12 -7.36
CA GLY A 44 7.29 -0.17 -6.70
C GLY A 44 6.41 -1.31 -7.18
N TYR A 45 5.14 -1.24 -6.81
CA TYR A 45 4.20 -2.27 -7.18
C TYR A 45 3.92 -2.43 -8.68
N PRO A 46 3.97 -1.34 -9.47
CA PRO A 46 3.71 -1.55 -10.90
C PRO A 46 4.63 -2.62 -11.49
N LEU A 47 5.92 -2.54 -11.18
CA LEU A 47 6.87 -3.50 -11.71
C LEU A 47 6.85 -4.83 -10.94
N VAL A 48 6.83 -4.76 -9.61
CA VAL A 48 6.82 -5.96 -8.79
C VAL A 48 5.59 -6.85 -8.97
N LEU A 49 4.42 -6.24 -9.08
CA LEU A 49 3.22 -7.05 -9.25
C LEU A 49 3.16 -7.66 -10.64
N SER A 50 3.74 -6.96 -11.62
CA SER A 50 3.75 -7.44 -13.00
C SER A 50 4.80 -8.51 -13.30
N GLU A 51 5.97 -8.39 -12.68
CA GLU A 51 7.07 -9.33 -12.93
C GLU A 51 7.48 -10.21 -11.75
N GLY A 52 6.99 -9.91 -10.56
CA GLY A 52 7.35 -10.69 -9.40
C GLY A 52 8.46 -10.03 -8.60
N MET A 53 8.51 -10.33 -7.31
CA MET A 53 9.52 -9.76 -6.42
C MET A 53 10.95 -10.13 -6.77
N ASP A 54 11.13 -11.19 -7.55
CA ASP A 54 12.47 -11.60 -7.95
C ASP A 54 13.13 -10.51 -8.79
N ILE A 55 12.33 -9.57 -9.31
CA ILE A 55 12.88 -8.49 -10.12
C ILE A 55 13.84 -7.61 -9.32
N ILE A 56 13.65 -7.55 -8.01
CA ILE A 56 14.53 -6.74 -7.16
C ILE A 56 15.94 -7.30 -7.20
N ALA A 57 16.07 -8.62 -7.04
CA ALA A 57 17.39 -9.25 -7.08
C ALA A 57 18.02 -9.09 -8.46
N GLU A 58 17.18 -9.09 -9.50
CA GLU A 58 17.69 -8.92 -10.86
C GLU A 58 18.36 -7.56 -11.01
N PHE A 59 17.72 -6.52 -10.48
CA PHE A 59 18.28 -5.18 -10.56
C PHE A 59 19.59 -5.07 -9.78
N ARG A 60 19.62 -5.61 -8.57
CA ARG A 60 20.82 -5.54 -7.76
C ARG A 60 22.01 -6.22 -8.42
N LYS A 61 21.78 -7.37 -9.02
CA LYS A 61 22.86 -8.12 -9.66
C LYS A 61 23.30 -7.49 -10.98
N ARG A 62 22.35 -7.00 -11.76
CA ARG A 62 22.67 -6.40 -13.05
C ARG A 62 23.26 -5.00 -12.98
N PHE A 63 22.84 -4.22 -11.99
CA PHE A 63 23.32 -2.84 -11.87
C PHE A 63 24.13 -2.51 -10.62
N GLY A 64 24.14 -3.43 -9.65
CA GLY A 64 24.88 -3.19 -8.41
C GLY A 64 24.36 -1.98 -7.67
N CYS A 65 23.08 -1.69 -7.88
CA CYS A 65 22.44 -0.52 -7.28
C CYS A 65 21.71 -0.79 -5.97
N ARG A 66 21.51 0.29 -5.22
CA ARG A 66 20.75 0.23 -3.98
C ARG A 66 19.29 0.19 -4.46
N ILE A 67 18.46 -0.59 -3.77
CA ILE A 67 17.06 -0.68 -4.14
C ILE A 67 16.16 -0.23 -3.00
N ILE A 68 15.31 0.74 -3.29
CA ILE A 68 14.34 1.23 -2.33
C ILE A 68 12.99 0.70 -2.81
N ALA A 69 12.31 -0.07 -1.97
CA ALA A 69 11.01 -0.60 -2.33
C ALA A 69 9.98 0.48 -1.99
N GLY A 70 9.44 1.12 -3.01
CA GLY A 70 8.46 2.18 -2.80
C GLY A 70 7.08 1.61 -2.59
N PHE A 71 6.95 0.74 -1.59
CA PHE A 71 5.68 0.09 -1.32
C PHE A 71 4.71 0.88 -0.46
N LYS A 72 5.21 1.90 0.24
CA LYS A 72 4.38 2.75 1.09
C LYS A 72 3.43 1.92 1.94
N VAL A 73 4.01 1.00 2.70
CA VAL A 73 3.28 0.10 3.57
C VAL A 73 2.27 0.89 4.42
N ALA A 74 1.02 0.42 4.43
CA ALA A 74 -0.05 1.10 5.15
C ALA A 74 -1.09 0.14 5.70
N ASP A 75 -0.61 -0.90 6.38
CA ASP A 75 -1.50 -1.92 6.94
C ASP A 75 -1.37 -1.92 8.47
N ILE A 76 -2.01 -2.89 9.11
CA ILE A 76 -1.92 -3.00 10.57
C ILE A 76 -0.51 -3.50 10.89
N PRO A 77 -0.07 -3.36 12.15
CA PRO A 77 1.28 -3.81 12.52
C PRO A 77 1.68 -5.22 12.08
N GLU A 78 0.84 -6.20 12.38
CA GLU A 78 1.16 -7.58 12.03
C GLU A 78 1.40 -7.81 10.54
N THR A 79 0.55 -7.22 9.71
CA THR A 79 0.72 -7.37 8.27
C THR A 79 1.91 -6.57 7.77
N ASN A 80 2.13 -5.39 8.35
CA ASN A 80 3.28 -4.56 7.96
C ASN A 80 4.56 -5.36 8.18
N GLU A 81 4.63 -6.08 9.28
CA GLU A 81 5.81 -6.89 9.60
C GLU A 81 6.04 -7.92 8.49
N LYS A 82 4.98 -8.59 8.07
CA LYS A 82 5.06 -9.60 7.03
C LYS A 82 5.50 -9.01 5.69
N ILE A 83 4.94 -7.86 5.34
CA ILE A 83 5.31 -7.21 4.08
C ILE A 83 6.78 -6.82 4.10
N CYS A 84 7.23 -6.22 5.20
CA CYS A 84 8.63 -5.83 5.30
C CYS A 84 9.56 -7.04 5.22
N ARG A 85 9.19 -8.11 5.93
CA ARG A 85 10.00 -9.32 5.92
C ARG A 85 10.13 -9.87 4.50
N ALA A 86 9.03 -9.98 3.79
CA ALA A 86 9.05 -10.50 2.43
C ALA A 86 9.88 -9.60 1.51
N THR A 87 9.73 -8.29 1.69
CA THR A 87 10.44 -7.33 0.87
C THR A 87 11.95 -7.34 1.09
N PHE A 88 12.37 -7.39 2.35
CA PHE A 88 13.80 -7.44 2.65
C PHE A 88 14.38 -8.79 2.24
N LYS A 89 13.62 -9.86 2.40
CA LYS A 89 14.11 -11.18 2.00
C LYS A 89 14.40 -11.18 0.50
N ALA A 90 13.63 -10.38 -0.24
CA ALA A 90 13.78 -10.26 -1.70
C ALA A 90 14.99 -9.41 -2.09
N GLY A 91 15.65 -8.81 -1.10
CA GLY A 91 16.83 -8.02 -1.38
C GLY A 91 16.75 -6.50 -1.27
N ALA A 92 15.56 -5.96 -0.99
CA ALA A 92 15.45 -4.51 -0.89
C ALA A 92 16.30 -3.96 0.25
N ASP A 93 16.99 -2.86 -0.01
CA ASP A 93 17.84 -2.22 0.99
C ASP A 93 17.02 -1.34 1.94
N ALA A 94 15.90 -0.84 1.42
CA ALA A 94 15.04 0.02 2.20
C ALA A 94 13.60 -0.11 1.72
N ILE A 95 12.68 0.33 2.56
CA ILE A 95 11.27 0.28 2.22
C ILE A 95 10.61 1.58 2.66
N ILE A 96 9.69 2.08 1.84
CA ILE A 96 8.97 3.30 2.17
C ILE A 96 7.69 2.90 2.88
N VAL A 97 7.42 3.58 3.98
CA VAL A 97 6.27 3.30 4.83
C VAL A 97 5.39 4.53 5.01
N HIS A 98 4.07 4.37 4.87
CA HIS A 98 3.16 5.48 5.08
C HIS A 98 3.10 5.76 6.57
N GLY A 99 3.11 7.03 6.95
CA GLY A 99 3.03 7.37 8.37
C GLY A 99 1.59 7.57 8.84
N PHE A 100 0.69 7.84 7.91
CA PHE A 100 -0.71 8.10 8.27
C PHE A 100 -1.39 7.02 9.13
N PRO A 101 -1.03 5.73 8.94
CA PRO A 101 -1.67 4.71 9.77
C PRO A 101 -1.25 4.68 11.25
N GLY A 102 -0.30 5.53 11.63
CA GLY A 102 0.07 5.57 13.03
C GLY A 102 1.41 4.98 13.44
N ALA A 103 1.77 5.24 14.69
CA ALA A 103 3.05 4.81 15.25
C ALA A 103 3.27 3.32 15.37
N ASP A 104 2.24 2.56 15.76
CA ASP A 104 2.42 1.12 15.89
C ASP A 104 2.73 0.48 14.53
N SER A 105 2.07 0.95 13.48
CA SER A 105 2.33 0.42 12.15
C SER A 105 3.73 0.77 11.67
N VAL A 106 4.23 1.94 12.09
CA VAL A 106 5.58 2.33 11.70
C VAL A 106 6.60 1.52 12.49
N ARG A 107 6.37 1.36 13.80
CA ARG A 107 7.29 0.59 14.63
C ARG A 107 7.44 -0.85 14.16
N ALA A 108 6.35 -1.43 13.67
CA ALA A 108 6.40 -2.80 13.18
C ALA A 108 7.43 -2.90 12.07
N CYS A 109 7.48 -1.89 11.20
CA CYS A 109 8.43 -1.87 10.10
C CYS A 109 9.84 -1.64 10.63
N LEU A 110 9.98 -0.75 11.61
CA LEU A 110 11.29 -0.46 12.19
C LEU A 110 11.88 -1.72 12.82
N ASN A 111 11.03 -2.53 13.47
CA ASN A 111 11.50 -3.76 14.10
C ASN A 111 12.14 -4.70 13.09
N VAL A 112 11.44 -4.94 11.98
CA VAL A 112 11.97 -5.84 10.96
C VAL A 112 13.21 -5.27 10.32
N ALA A 113 13.21 -3.97 10.06
CA ALA A 113 14.37 -3.32 9.44
C ALA A 113 15.60 -3.45 10.33
N GLU A 114 15.43 -3.25 11.63
CA GLU A 114 16.57 -3.37 12.53
C GLU A 114 17.07 -4.81 12.56
N GLU A 115 16.14 -5.74 12.64
CA GLU A 115 16.48 -7.16 12.67
C GLU A 115 17.28 -7.60 11.45
N MET A 116 16.87 -7.13 10.27
CA MET A 116 17.52 -7.52 9.04
C MET A 116 18.60 -6.58 8.51
N GLY A 117 18.85 -5.50 9.26
CA GLY A 117 19.87 -4.55 8.85
C GLY A 117 19.51 -3.75 7.61
N ARG A 118 18.25 -3.35 7.51
CA ARG A 118 17.78 -2.56 6.37
C ARG A 118 17.23 -1.22 6.85
N GLU A 119 16.73 -0.41 5.93
CA GLU A 119 16.24 0.92 6.28
C GLU A 119 14.76 1.17 6.01
N VAL A 120 14.20 2.08 6.79
CA VAL A 120 12.81 2.49 6.65
C VAL A 120 12.79 3.97 6.31
N PHE A 121 12.00 4.32 5.29
CA PHE A 121 11.83 5.71 4.88
C PHE A 121 10.38 6.02 5.25
N LEU A 122 10.17 7.09 6.01
CA LEU A 122 8.83 7.47 6.43
C LEU A 122 8.23 8.52 5.49
N LEU A 123 7.11 8.16 4.85
CA LEU A 123 6.41 9.07 3.95
C LEU A 123 5.50 9.95 4.80
N THR A 124 5.77 11.26 4.78
CA THR A 124 5.04 12.24 5.57
C THR A 124 3.89 12.97 4.86
N GLU A 125 4.16 13.48 3.65
CA GLU A 125 3.14 14.16 2.86
C GLU A 125 3.38 13.75 1.42
N MET A 126 2.28 13.52 0.70
CA MET A 126 2.37 13.12 -0.69
C MET A 126 2.36 14.29 -1.66
N SER A 127 2.78 14.02 -2.89
CA SER A 127 2.91 15.05 -3.92
C SER A 127 1.71 15.38 -4.80
N HIS A 128 0.73 14.49 -4.87
CA HIS A 128 -0.43 14.73 -5.73
C HIS A 128 -1.46 15.66 -5.12
N PRO A 129 -2.35 16.25 -5.94
CA PRO A 129 -3.37 17.18 -5.45
C PRO A 129 -4.20 16.65 -4.28
N GLY A 130 -4.65 15.41 -4.40
CA GLY A 130 -5.47 14.80 -3.36
C GLY A 130 -4.86 14.77 -1.97
N ALA A 131 -3.54 14.89 -1.89
CA ALA A 131 -2.85 14.87 -0.60
C ALA A 131 -3.31 16.02 0.29
N GLU A 132 -3.90 17.05 -0.32
CA GLU A 132 -4.38 18.21 0.43
C GLU A 132 -5.58 17.87 1.31
N MET A 133 -6.39 16.91 0.89
CA MET A 133 -7.59 16.57 1.63
C MET A 133 -7.41 16.08 3.06
N PHE A 134 -6.53 15.10 3.26
CA PHE A 134 -6.34 14.56 4.60
C PHE A 134 -4.89 14.43 5.04
N ILE A 135 -4.01 14.10 4.11
CA ILE A 135 -2.61 13.91 4.46
C ILE A 135 -1.88 15.17 4.90
N GLN A 136 -2.03 16.25 4.13
CA GLN A 136 -1.35 17.50 4.44
C GLN A 136 -1.56 17.99 5.87
N GLY A 137 -2.79 17.94 6.35
CA GLY A 137 -3.08 18.39 7.71
C GLY A 137 -2.46 17.55 8.81
N ALA A 138 -2.04 16.34 8.47
CA ALA A 138 -1.42 15.43 9.44
C ALA A 138 0.08 15.31 9.25
N ALA A 139 0.58 15.80 8.11
CA ALA A 139 1.99 15.68 7.75
C ALA A 139 3.03 16.14 8.77
N ASP A 140 2.85 17.32 9.36
CA ASP A 140 3.83 17.80 10.34
C ASP A 140 3.87 16.87 11.54
N GLU A 141 2.71 16.43 12.01
CA GLU A 141 2.66 15.54 13.15
C GLU A 141 3.25 14.17 12.79
N ILE A 142 3.04 13.73 11.56
CA ILE A 142 3.59 12.45 11.12
C ILE A 142 5.12 12.55 11.15
N ALA A 143 5.64 13.68 10.67
CA ALA A 143 7.08 13.90 10.66
C ALA A 143 7.64 13.89 12.08
N ARG A 144 6.95 14.57 13.00
CA ARG A 144 7.38 14.62 14.39
C ARG A 144 7.35 13.23 15.00
N MET A 145 6.34 12.45 14.62
CA MET A 145 6.20 11.08 15.11
C MET A 145 7.45 10.30 14.70
N GLY A 146 7.87 10.48 13.45
CA GLY A 146 9.05 9.80 12.96
C GLY A 146 10.28 10.22 13.75
N VAL A 147 10.42 11.53 13.95
CA VAL A 147 11.56 12.05 14.69
C VAL A 147 11.61 11.47 16.11
N ASP A 148 10.44 11.40 16.75
CA ASP A 148 10.36 10.87 18.11
C ASP A 148 10.73 9.39 18.20
N LEU A 149 10.55 8.67 17.09
CA LEU A 149 10.87 7.24 17.06
C LEU A 149 12.27 6.96 16.51
N GLY A 150 13.01 8.02 16.22
CA GLY A 150 14.36 7.84 15.72
C GLY A 150 14.46 7.54 14.23
N VAL A 151 13.39 7.78 13.47
CA VAL A 151 13.43 7.56 12.03
C VAL A 151 14.42 8.56 11.45
N LYS A 152 15.30 8.11 10.57
CA LYS A 152 16.30 8.98 9.97
C LYS A 152 16.10 9.27 8.50
N ASN A 153 15.20 8.52 7.85
CA ASN A 153 14.94 8.69 6.42
C ASN A 153 13.48 9.06 6.18
N TYR A 154 13.29 10.10 5.36
CA TYR A 154 11.96 10.61 5.08
C TYR A 154 11.68 10.87 3.62
N VAL A 155 10.39 10.97 3.29
CA VAL A 155 9.93 11.27 1.93
C VAL A 155 8.95 12.43 2.05
N GLY A 156 9.18 13.48 1.25
CA GLY A 156 8.34 14.67 1.24
C GLY A 156 8.10 15.12 -0.19
N PRO A 157 7.06 15.93 -0.44
CA PRO A 157 6.67 16.43 -1.77
C PRO A 157 7.44 17.55 -2.46
N SER A 158 7.92 17.27 -3.67
CA SER A 158 8.62 18.25 -4.48
C SER A 158 7.66 19.32 -4.98
N THR A 159 6.40 18.94 -5.13
CA THR A 159 5.34 19.82 -5.63
C THR A 159 4.90 20.93 -4.69
N ARG A 160 5.33 20.85 -3.43
CA ARG A 160 4.98 21.88 -2.44
C ARG A 160 6.25 22.28 -1.70
N PRO A 161 7.06 23.16 -2.31
CA PRO A 161 8.32 23.63 -1.74
C PRO A 161 8.28 24.13 -0.30
N GLU A 162 7.27 24.92 0.05
CA GLU A 162 7.19 25.41 1.42
C GLU A 162 6.85 24.30 2.40
N ARG A 163 6.13 23.28 1.93
CA ARG A 163 5.80 22.15 2.79
C ARG A 163 7.05 21.30 2.97
N LEU A 164 7.82 21.11 1.90
CA LEU A 164 9.05 20.33 1.96
C LEU A 164 10.03 21.04 2.89
N SER A 165 10.07 22.37 2.83
CA SER A 165 10.95 23.17 3.67
C SER A 165 10.58 22.98 5.15
N ARG A 166 9.29 22.98 5.43
CA ARG A 166 8.81 22.80 6.79
C ARG A 166 9.19 21.40 7.28
N LEU A 167 9.05 20.41 6.41
CA LEU A 167 9.39 19.04 6.77
C LEU A 167 10.88 18.97 7.15
N ARG A 168 11.72 19.60 6.35
CA ARG A 168 13.15 19.62 6.66
C ARG A 168 13.41 20.25 8.02
N GLU A 169 12.69 21.34 8.33
CA GLU A 169 12.89 21.99 9.62
C GLU A 169 12.54 21.03 10.76
N ILE A 170 11.48 20.27 10.60
CA ILE A 170 11.06 19.33 11.62
C ILE A 170 12.03 18.17 11.82
N ILE A 171 12.51 17.58 10.73
CA ILE A 171 13.41 16.43 10.85
C ILE A 171 14.87 16.76 11.13
N GLY A 172 15.25 18.02 10.93
CA GLY A 172 16.62 18.43 11.18
C GLY A 172 17.55 18.21 10.01
N GLN A 173 18.73 18.81 10.07
CA GLN A 173 19.72 18.70 9.01
C GLN A 173 20.35 17.33 8.87
N ASP A 174 20.42 16.58 9.96
CA ASP A 174 21.02 15.24 9.95
C ASP A 174 20.18 14.15 9.30
N SER A 175 18.87 14.38 9.17
CA SER A 175 18.00 13.38 8.56
C SER A 175 18.14 13.37 7.04
N PHE A 176 17.87 12.20 6.44
CA PHE A 176 17.95 12.04 5.00
C PHE A 176 16.55 12.21 4.44
N LEU A 177 16.41 13.08 3.45
CA LEU A 177 15.12 13.38 2.85
C LEU A 177 15.14 13.23 1.34
N ILE A 178 14.24 12.41 0.81
CA ILE A 178 14.15 12.24 -0.63
C ILE A 178 12.78 12.76 -1.06
N SER A 179 12.65 13.18 -2.31
CA SER A 179 11.42 13.82 -2.74
C SER A 179 10.95 13.52 -4.17
N PRO A 180 9.72 12.98 -4.31
CA PRO A 180 9.15 12.66 -5.62
C PRO A 180 8.27 13.83 -6.09
N GLY A 181 7.91 13.82 -7.35
CA GLY A 181 7.09 14.88 -7.91
C GLY A 181 7.88 15.79 -8.81
N VAL A 182 9.13 15.42 -9.07
CA VAL A 182 10.02 16.19 -9.94
C VAL A 182 9.80 15.81 -11.40
N GLY A 183 9.62 16.80 -12.26
CA GLY A 183 9.42 16.52 -13.67
C GLY A 183 7.96 16.43 -14.07
N ALA A 184 7.47 15.21 -14.28
CA ALA A 184 6.09 14.99 -14.68
C ALA A 184 5.06 15.71 -13.83
N GLN A 185 5.25 15.69 -12.51
CA GLN A 185 4.30 16.33 -11.60
C GLN A 185 4.53 17.83 -11.42
N GLY A 186 5.57 18.36 -12.05
CA GLY A 186 5.83 19.79 -11.98
C GLY A 186 6.94 20.28 -11.06
N GLY A 187 7.49 19.40 -10.24
CA GLY A 187 8.55 19.81 -9.34
C GLY A 187 9.85 20.14 -10.06
N ASP A 188 10.58 21.12 -9.53
CA ASP A 188 11.86 21.53 -10.11
C ASP A 188 13.00 20.87 -9.36
N PRO A 189 13.96 20.28 -10.09
CA PRO A 189 15.11 19.61 -9.47
C PRO A 189 15.88 20.49 -8.48
N GLY A 190 16.36 21.64 -8.96
CA GLY A 190 17.13 22.55 -8.11
C GLY A 190 16.40 23.05 -6.89
N GLU A 191 15.17 23.52 -7.08
CA GLU A 191 14.37 24.04 -5.98
C GLU A 191 14.15 22.96 -4.92
N THR A 192 13.84 21.76 -5.37
CA THR A 192 13.60 20.65 -4.47
C THR A 192 14.83 20.31 -3.64
N LEU A 193 16.00 20.38 -4.28
CA LEU A 193 17.25 20.07 -3.60
C LEU A 193 17.72 21.14 -2.62
N ARG A 194 16.94 22.20 -2.46
CA ARG A 194 17.27 23.23 -1.49
C ARG A 194 16.97 22.62 -0.13
N PHE A 195 16.05 21.66 -0.11
CA PHE A 195 15.62 21.01 1.13
C PHE A 195 15.85 19.51 1.19
N ALA A 196 15.61 18.82 0.08
CA ALA A 196 15.82 17.37 0.02
C ALA A 196 17.25 17.05 -0.34
N ASP A 197 17.71 15.88 0.11
CA ASP A 197 19.07 15.43 -0.18
C ASP A 197 19.14 14.76 -1.55
N ALA A 198 18.02 14.20 -2.00
CA ALA A 198 17.95 13.54 -3.28
C ALA A 198 16.55 13.65 -3.85
N ILE A 199 16.46 13.63 -5.18
CA ILE A 199 15.18 13.71 -5.86
C ILE A 199 14.85 12.38 -6.51
N ILE A 200 13.57 12.06 -6.52
CA ILE A 200 13.07 10.84 -7.15
C ILE A 200 12.49 11.30 -8.49
N VAL A 201 12.92 10.66 -9.57
CA VAL A 201 12.43 11.02 -10.90
C VAL A 201 12.06 9.76 -11.67
N GLY A 202 10.82 9.73 -12.16
CA GLY A 202 10.35 8.58 -12.91
C GLY A 202 10.12 8.84 -14.39
N ARG A 203 8.88 9.17 -14.73
CA ARG A 203 8.49 9.42 -16.13
C ARG A 203 9.36 10.38 -16.93
N SER A 204 9.81 11.47 -16.32
CA SER A 204 10.65 12.43 -17.03
C SER A 204 11.86 11.73 -17.62
N ILE A 205 12.25 10.60 -17.03
CA ILE A 205 13.37 9.83 -17.54
C ILE A 205 12.93 8.59 -18.31
N TYR A 206 12.17 7.71 -17.67
CA TYR A 206 11.81 6.47 -18.35
C TYR A 206 10.84 6.54 -19.53
N LEU A 207 10.14 7.66 -19.70
CA LEU A 207 9.23 7.82 -20.84
C LEU A 207 9.85 8.76 -21.88
N ALA A 208 11.02 9.29 -21.57
CA ALA A 208 11.72 10.20 -22.48
C ALA A 208 12.19 9.46 -23.73
N ASP A 209 12.27 10.18 -24.84
CA ASP A 209 12.73 9.57 -26.09
C ASP A 209 14.16 9.09 -25.92
N ASN A 210 14.91 9.82 -25.10
CA ASN A 210 16.31 9.48 -24.82
C ASN A 210 16.51 9.57 -23.31
N PRO A 211 16.23 8.47 -22.59
CA PRO A 211 16.39 8.45 -21.12
C PRO A 211 17.74 8.96 -20.62
N ALA A 212 18.82 8.56 -21.29
CA ALA A 212 20.16 8.99 -20.89
C ALA A 212 20.29 10.50 -20.98
N ALA A 213 19.82 11.08 -22.08
CA ALA A 213 19.88 12.52 -22.28
C ALA A 213 19.04 13.24 -21.22
N ALA A 214 17.89 12.65 -20.90
CA ALA A 214 17.00 13.23 -19.90
C ALA A 214 17.68 13.26 -18.53
N ALA A 215 18.28 12.14 -18.15
CA ALA A 215 18.97 12.06 -16.87
C ALA A 215 20.16 13.01 -16.84
N ALA A 216 20.92 13.05 -17.93
CA ALA A 216 22.08 13.94 -18.02
C ALA A 216 21.66 15.40 -17.93
N GLY A 217 20.50 15.71 -18.51
CA GLY A 217 20.01 17.08 -18.48
C GLY A 217 19.64 17.51 -17.08
N ILE A 218 19.03 16.61 -16.32
CA ILE A 218 18.65 16.90 -14.95
C ILE A 218 19.89 17.16 -14.11
N ILE A 219 20.88 16.28 -14.27
CA ILE A 219 22.13 16.40 -13.54
C ILE A 219 22.85 17.70 -13.90
N GLU A 220 22.82 18.06 -15.17
CA GLU A 220 23.45 19.28 -15.65
C GLU A 220 22.83 20.50 -14.95
N SER A 221 21.51 20.47 -14.78
CA SER A 221 20.81 21.59 -14.15
C SER A 221 21.08 21.72 -12.66
N ILE A 222 21.64 20.68 -12.05
CA ILE A 222 21.92 20.72 -10.62
C ILE A 222 23.40 20.49 -10.30
N LYS A 223 24.26 20.68 -11.29
CA LYS A 223 25.69 20.49 -11.10
C LYS A 223 26.29 21.59 -10.21
N VAL B 11 -22.11 -12.44 -0.07
CA VAL B 11 -20.98 -13.30 0.38
C VAL B 11 -21.48 -14.47 1.22
N MET B 12 -21.08 -15.68 0.86
CA MET B 12 -21.50 -16.87 1.58
C MET B 12 -21.20 -16.78 3.08
N ASN B 13 -22.21 -17.06 3.89
CA ASN B 13 -22.09 -17.04 5.35
C ASN B 13 -21.58 -15.72 5.91
N ARG B 14 -21.65 -14.65 5.12
CA ARG B 14 -21.18 -13.33 5.54
C ARG B 14 -19.75 -13.42 6.07
N LEU B 15 -19.00 -14.41 5.57
CA LEU B 15 -17.64 -14.64 6.03
C LEU B 15 -16.60 -14.61 4.93
N ILE B 16 -15.66 -13.67 5.04
CA ILE B 16 -14.58 -13.52 4.08
C ILE B 16 -13.27 -13.94 4.75
N LEU B 17 -12.60 -14.92 4.15
CA LEU B 17 -11.33 -15.40 4.71
C LEU B 17 -10.18 -14.49 4.29
N ALA B 18 -9.43 -13.99 5.26
CA ALA B 18 -8.25 -13.18 4.96
C ALA B 18 -7.09 -14.18 4.95
N MET B 19 -6.66 -14.56 3.76
CA MET B 19 -5.59 -15.56 3.63
C MET B 19 -4.22 -14.90 3.57
N ASP B 20 -3.64 -14.69 4.75
CA ASP B 20 -2.35 -14.05 4.87
C ASP B 20 -1.17 -14.98 5.18
N LEU B 21 -1.35 -16.27 4.96
CA LEU B 21 -0.24 -17.20 5.14
C LEU B 21 0.69 -16.83 3.99
N MET B 22 1.98 -17.13 4.12
CA MET B 22 2.94 -16.71 3.11
C MET B 22 3.61 -17.73 2.21
N ASN B 23 3.05 -18.93 2.14
CA ASN B 23 3.58 -19.92 1.23
C ASN B 23 2.40 -20.63 0.60
N ARG B 24 2.57 -20.95 -0.69
CA ARG B 24 1.54 -21.59 -1.49
C ARG B 24 0.87 -22.82 -0.88
N ASP B 25 1.68 -23.79 -0.48
CA ASP B 25 1.13 -25.02 0.09
C ASP B 25 0.22 -24.78 1.30
N ASP B 26 0.69 -24.00 2.26
CA ASP B 26 -0.09 -23.74 3.46
C ASP B 26 -1.35 -22.95 3.14
N ALA B 27 -1.20 -21.89 2.33
CA ALA B 27 -2.35 -21.06 1.97
C ALA B 27 -3.43 -21.87 1.26
N LEU B 28 -3.01 -22.69 0.30
CA LEU B 28 -3.98 -23.51 -0.44
C LEU B 28 -4.56 -24.62 0.45
N ARG B 29 -3.75 -25.23 1.29
CA ARG B 29 -4.23 -26.30 2.15
C ARG B 29 -5.29 -25.80 3.13
N VAL B 30 -5.00 -24.69 3.81
CA VAL B 30 -5.94 -24.14 4.77
C VAL B 30 -7.22 -23.65 4.09
N THR B 31 -7.08 -22.99 2.95
CA THR B 31 -8.27 -22.51 2.26
C THR B 31 -9.13 -23.70 1.85
N GLY B 32 -8.47 -24.78 1.42
CA GLY B 32 -9.20 -25.98 1.03
C GLY B 32 -9.99 -26.55 2.20
N GLU B 33 -9.39 -26.50 3.38
CA GLU B 33 -10.05 -27.02 4.58
C GLU B 33 -11.34 -26.28 4.90
N VAL B 34 -11.43 -25.01 4.54
CA VAL B 34 -12.62 -24.23 4.83
C VAL B 34 -13.42 -23.80 3.61
N ARG B 35 -13.11 -24.38 2.45
CA ARG B 35 -13.80 -24.01 1.22
C ARG B 35 -15.33 -24.16 1.23
N GLU B 36 -15.83 -25.08 2.05
CA GLU B 36 -17.27 -25.30 2.10
C GLU B 36 -18.01 -24.19 2.85
N TYR B 37 -17.26 -23.38 3.59
CA TYR B 37 -17.86 -22.31 4.40
C TYR B 37 -17.79 -20.92 3.80
N ILE B 38 -17.02 -20.75 2.72
CA ILE B 38 -16.86 -19.44 2.12
C ILE B 38 -16.82 -19.48 0.59
N ASP B 39 -17.08 -18.34 -0.03
CA ASP B 39 -17.00 -18.25 -1.47
C ASP B 39 -16.27 -16.95 -1.83
N THR B 40 -15.66 -16.34 -0.82
CA THR B 40 -14.93 -15.09 -0.98
C THR B 40 -13.67 -15.09 -0.13
N VAL B 41 -12.53 -14.82 -0.77
CA VAL B 41 -11.25 -14.79 -0.07
C VAL B 41 -10.53 -13.47 -0.35
N LYS B 42 -9.97 -12.88 0.70
CA LYS B 42 -9.21 -11.65 0.57
C LYS B 42 -7.73 -12.05 0.57
N ILE B 43 -7.04 -11.73 -0.52
CA ILE B 43 -5.63 -12.03 -0.65
C ILE B 43 -4.89 -10.71 -0.61
N GLY B 44 -3.82 -10.66 0.18
CA GLY B 44 -3.05 -9.43 0.31
C GLY B 44 -1.59 -9.59 -0.09
N TYR B 45 -0.79 -8.58 0.26
CA TYR B 45 0.61 -8.60 -0.08
C TYR B 45 1.44 -9.69 0.58
N PRO B 46 1.10 -10.12 1.81
CA PRO B 46 1.94 -11.18 2.38
C PRO B 46 2.03 -12.40 1.47
N LEU B 47 0.89 -12.83 0.93
CA LEU B 47 0.88 -13.99 0.04
C LEU B 47 1.34 -13.64 -1.38
N VAL B 48 0.84 -12.55 -1.92
CA VAL B 48 1.20 -12.14 -3.28
C VAL B 48 2.67 -11.82 -3.48
N LEU B 49 3.29 -11.13 -2.51
CA LEU B 49 4.70 -10.80 -2.66
C LEU B 49 5.57 -12.04 -2.49
N SER B 50 5.11 -12.98 -1.68
CA SER B 50 5.85 -14.21 -1.43
C SER B 50 5.74 -15.25 -2.54
N GLU B 51 4.56 -15.36 -3.15
CA GLU B 51 4.32 -16.36 -4.19
C GLU B 51 4.06 -15.83 -5.60
N GLY B 52 3.83 -14.53 -5.72
CA GLY B 52 3.57 -13.95 -7.02
C GLY B 52 2.08 -13.75 -7.26
N MET B 53 1.74 -12.80 -8.11
CA MET B 53 0.35 -12.50 -8.41
C MET B 53 -0.42 -13.65 -9.07
N ASP B 54 0.30 -14.61 -9.64
CA ASP B 54 -0.36 -15.75 -10.27
C ASP B 54 -1.15 -16.55 -9.23
N ILE B 55 -0.86 -16.32 -7.95
CA ILE B 55 -1.57 -17.04 -6.90
C ILE B 55 -3.07 -16.71 -6.90
N ILE B 56 -3.43 -15.53 -7.39
CA ILE B 56 -4.83 -15.14 -7.44
C ILE B 56 -5.59 -16.06 -8.39
N ALA B 57 -5.03 -16.30 -9.57
CA ALA B 57 -5.68 -17.17 -10.55
C ALA B 57 -5.76 -18.59 -10.01
N GLU B 58 -4.75 -18.99 -9.23
CA GLU B 58 -4.74 -20.32 -8.65
C GLU B 58 -5.92 -20.51 -7.71
N PHE B 59 -6.18 -19.50 -6.88
CA PHE B 59 -7.31 -19.58 -5.95
C PHE B 59 -8.63 -19.64 -6.69
N ARG B 60 -8.79 -18.79 -7.70
CA ARG B 60 -10.04 -18.76 -8.46
C ARG B 60 -10.35 -20.08 -9.13
N LYS B 61 -9.33 -20.71 -9.71
CA LYS B 61 -9.55 -21.98 -10.40
C LYS B 61 -9.71 -23.16 -9.45
N ARG B 62 -9.00 -23.15 -8.33
CA ARG B 62 -9.09 -24.24 -7.38
C ARG B 62 -10.32 -24.21 -6.49
N PHE B 63 -10.79 -23.01 -6.15
CA PHE B 63 -11.95 -22.86 -5.27
C PHE B 63 -13.18 -22.21 -5.87
N GLY B 64 -13.04 -21.63 -7.06
CA GLY B 64 -14.16 -20.96 -7.72
C GLY B 64 -14.69 -19.81 -6.87
N CYS B 65 -13.81 -19.24 -6.07
CA CYS B 65 -14.17 -18.15 -5.18
C CYS B 65 -13.94 -16.76 -5.72
N ARG B 66 -14.64 -15.80 -5.12
CA ARG B 66 -14.48 -14.40 -5.46
C ARG B 66 -13.17 -14.02 -4.76
N ILE B 67 -12.36 -13.17 -5.41
CA ILE B 67 -11.11 -12.74 -4.80
C ILE B 67 -11.09 -11.22 -4.64
N ILE B 68 -10.86 -10.78 -3.40
CA ILE B 68 -10.74 -9.37 -3.10
C ILE B 68 -9.25 -9.14 -2.82
N ALA B 69 -8.62 -8.26 -3.59
CA ALA B 69 -7.21 -7.97 -3.38
C ALA B 69 -7.14 -6.90 -2.30
N GLY B 70 -6.70 -7.29 -1.11
CA GLY B 70 -6.60 -6.35 0.00
C GLY B 70 -5.32 -5.56 -0.06
N PHE B 71 -5.11 -4.87 -1.17
CA PHE B 71 -3.88 -4.12 -1.37
C PHE B 71 -3.88 -2.72 -0.77
N LYS B 72 -5.08 -2.22 -0.45
CA LYS B 72 -5.22 -0.89 0.14
C LYS B 72 -4.36 0.14 -0.58
N VAL B 73 -4.58 0.24 -1.88
CA VAL B 73 -3.85 1.16 -2.75
C VAL B 73 -3.81 2.56 -2.14
N ALA B 74 -2.62 3.14 -2.08
CA ALA B 74 -2.43 4.45 -1.47
C ALA B 74 -1.31 5.25 -2.12
N ASP B 75 -1.35 5.32 -3.45
CA ASP B 75 -0.31 6.02 -4.21
C ASP B 75 -0.96 7.19 -4.95
N ILE B 76 -0.19 7.85 -5.82
CA ILE B 76 -0.72 8.96 -6.60
C ILE B 76 -1.63 8.35 -7.68
N PRO B 77 -2.50 9.18 -8.28
CA PRO B 77 -3.42 8.66 -9.30
C PRO B 77 -2.81 7.78 -10.39
N GLU B 78 -1.75 8.26 -11.02
CA GLU B 78 -1.11 7.50 -12.09
C GLU B 78 -0.66 6.10 -11.67
N THR B 79 0.00 6.01 -10.52
CA THR B 79 0.48 4.72 -10.04
C THR B 79 -0.70 3.84 -9.58
N ASN B 80 -1.70 4.46 -8.97
CA ASN B 80 -2.89 3.70 -8.53
C ASN B 80 -3.51 3.01 -9.74
N GLU B 81 -3.57 3.71 -10.86
CA GLU B 81 -4.16 3.15 -12.08
C GLU B 81 -3.38 1.91 -12.50
N LYS B 82 -2.05 2.00 -12.46
CA LYS B 82 -1.20 0.87 -12.83
C LYS B 82 -1.37 -0.32 -11.90
N ILE B 83 -1.44 -0.06 -10.60
CA ILE B 83 -1.61 -1.14 -9.64
C ILE B 83 -2.95 -1.84 -9.86
N CYS B 84 -4.00 -1.06 -10.04
CA CYS B 84 -5.32 -1.63 -10.28
C CYS B 84 -5.36 -2.46 -11.56
N ARG B 85 -4.76 -1.93 -12.61
CA ARG B 85 -4.74 -2.64 -13.88
C ARG B 85 -4.02 -3.99 -13.73
N ALA B 86 -2.85 -3.98 -13.10
CA ALA B 86 -2.11 -5.22 -12.91
C ALA B 86 -2.89 -6.21 -12.06
N THR B 87 -3.53 -5.70 -11.02
CA THR B 87 -4.29 -6.54 -10.11
C THR B 87 -5.52 -7.17 -10.77
N PHE B 88 -6.26 -6.38 -11.54
CA PHE B 88 -7.43 -6.91 -12.23
C PHE B 88 -7.01 -7.87 -13.36
N LYS B 89 -5.90 -7.58 -14.02
CA LYS B 89 -5.43 -8.46 -15.08
C LYS B 89 -5.10 -9.82 -14.48
N ALA B 90 -4.69 -9.83 -13.22
CA ALA B 90 -4.34 -11.06 -12.50
C ALA B 90 -5.58 -11.85 -12.07
N GLY B 91 -6.76 -11.28 -12.28
CA GLY B 91 -7.98 -11.99 -11.93
C GLY B 91 -8.77 -11.51 -10.73
N ALA B 92 -8.27 -10.53 -9.98
CA ALA B 92 -8.99 -10.05 -8.82
C ALA B 92 -10.35 -9.48 -9.20
N ASP B 93 -11.39 -9.81 -8.44
CA ASP B 93 -12.74 -9.31 -8.69
C ASP B 93 -12.93 -7.92 -8.11
N ALA B 94 -12.15 -7.62 -7.07
CA ALA B 94 -12.25 -6.34 -6.40
C ALA B 94 -10.90 -5.98 -5.77
N ILE B 95 -10.73 -4.70 -5.48
CA ILE B 95 -9.52 -4.22 -4.85
C ILE B 95 -9.88 -3.22 -3.76
N ILE B 96 -9.16 -3.28 -2.65
CA ILE B 96 -9.40 -2.37 -1.55
C ILE B 96 -8.45 -1.18 -1.73
N VAL B 97 -9.01 0.01 -1.60
CA VAL B 97 -8.29 1.25 -1.80
C VAL B 97 -8.35 2.15 -0.57
N HIS B 98 -7.21 2.70 -0.16
CA HIS B 98 -7.18 3.61 0.97
C HIS B 98 -7.83 4.92 0.55
N GLY B 99 -8.66 5.48 1.41
CA GLY B 99 -9.29 6.74 1.08
C GLY B 99 -8.49 7.95 1.55
N PHE B 100 -7.59 7.76 2.51
CA PHE B 100 -6.86 8.92 3.01
C PHE B 100 -6.02 9.71 2.00
N PRO B 101 -5.55 9.08 0.91
CA PRO B 101 -4.77 9.88 -0.06
C PRO B 101 -5.62 10.85 -0.89
N GLY B 102 -6.93 10.83 -0.73
CA GLY B 102 -7.74 11.77 -1.48
C GLY B 102 -8.59 11.25 -2.63
N ALA B 103 -9.45 12.12 -3.13
CA ALA B 103 -10.40 11.80 -4.19
C ALA B 103 -9.82 11.44 -5.54
N ASP B 104 -8.77 12.13 -5.96
CA ASP B 104 -8.18 11.83 -7.25
C ASP B 104 -7.58 10.42 -7.26
N SER B 105 -6.94 10.04 -6.17
CA SER B 105 -6.36 8.71 -6.08
C SER B 105 -7.46 7.64 -6.09
N VAL B 106 -8.61 7.95 -5.50
CA VAL B 106 -9.72 7.01 -5.49
C VAL B 106 -10.33 6.91 -6.89
N ARG B 107 -10.54 8.06 -7.53
CA ARG B 107 -11.13 8.08 -8.86
C ARG B 107 -10.29 7.30 -9.86
N ALA B 108 -8.97 7.35 -9.72
CA ALA B 108 -8.09 6.64 -10.63
C ALA B 108 -8.43 5.14 -10.58
N CYS B 109 -8.69 4.65 -9.37
CA CYS B 109 -9.04 3.24 -9.19
C CYS B 109 -10.43 2.95 -9.76
N LEU B 110 -11.37 3.87 -9.52
CA LEU B 110 -12.73 3.70 -10.03
C LEU B 110 -12.72 3.63 -11.56
N ASN B 111 -11.88 4.44 -12.21
CA ASN B 111 -11.81 4.43 -13.66
C ASN B 111 -11.42 3.05 -14.19
N VAL B 112 -10.36 2.48 -13.64
CA VAL B 112 -9.89 1.17 -14.09
C VAL B 112 -10.92 0.09 -13.77
N ALA B 113 -11.52 0.16 -12.59
CA ALA B 113 -12.52 -0.82 -12.19
C ALA B 113 -13.71 -0.80 -13.16
N GLU B 114 -14.17 0.40 -13.52
CA GLU B 114 -15.29 0.49 -14.44
C GLU B 114 -14.92 -0.07 -15.81
N GLU B 115 -13.72 0.28 -16.27
CA GLU B 115 -13.22 -0.18 -17.56
C GLU B 115 -13.15 -1.70 -17.64
N MET B 116 -12.68 -2.33 -16.58
CA MET B 116 -12.51 -3.78 -16.56
C MET B 116 -13.65 -4.57 -15.95
N GLY B 117 -14.70 -3.88 -15.50
CA GLY B 117 -15.84 -4.56 -14.91
C GLY B 117 -15.55 -5.20 -13.57
N ARG B 118 -14.78 -4.50 -12.73
CA ARG B 118 -14.44 -5.00 -11.40
C ARG B 118 -14.93 -4.02 -10.34
N GLU B 119 -14.65 -4.32 -9.07
CA GLU B 119 -15.11 -3.48 -7.97
C GLU B 119 -14.02 -2.84 -7.12
N VAL B 120 -14.37 -1.69 -6.53
CA VAL B 120 -13.48 -0.97 -5.63
C VAL B 120 -14.14 -0.91 -4.26
N PHE B 121 -13.36 -1.25 -3.24
CA PHE B 121 -13.83 -1.17 -1.86
C PHE B 121 -13.04 -0.02 -1.25
N LEU B 122 -13.74 0.95 -0.67
CA LEU B 122 -13.08 2.10 -0.07
C LEU B 122 -12.84 1.88 1.42
N LEU B 123 -11.57 1.88 1.81
CA LEU B 123 -11.20 1.72 3.22
C LEU B 123 -11.27 3.08 3.88
N THR B 124 -12.18 3.19 4.86
CA THR B 124 -12.36 4.43 5.58
C THR B 124 -11.48 4.41 6.83
N GLU B 125 -11.95 3.81 7.92
CA GLU B 125 -11.15 3.74 9.13
C GLU B 125 -10.55 2.36 9.32
N MET B 126 -9.34 2.31 9.86
CA MET B 126 -8.65 1.05 10.10
C MET B 126 -8.91 0.52 11.51
N SER B 127 -8.65 -0.76 11.69
CA SER B 127 -8.92 -1.45 12.96
C SER B 127 -7.88 -1.45 14.06
N HIS B 128 -6.63 -1.16 13.74
CA HIS B 128 -5.57 -1.19 14.75
C HIS B 128 -5.52 0.08 15.60
N PRO B 129 -4.86 0.00 16.77
CA PRO B 129 -4.75 1.16 17.66
C PRO B 129 -4.26 2.44 17.01
N GLY B 130 -3.20 2.33 16.21
CA GLY B 130 -2.62 3.49 15.55
C GLY B 130 -3.57 4.26 14.66
N ALA B 131 -4.66 3.63 14.25
CA ALA B 131 -5.64 4.28 13.38
C ALA B 131 -6.23 5.51 14.05
N GLU B 132 -6.16 5.57 15.38
CA GLU B 132 -6.71 6.70 16.11
C GLU B 132 -5.91 7.99 15.92
N MET B 133 -4.63 7.85 15.60
CA MET B 133 -3.77 9.02 15.45
C MET B 133 -4.15 9.99 14.33
N PHE B 134 -4.37 9.48 13.13
CA PHE B 134 -4.70 10.35 12.01
C PHE B 134 -5.90 9.91 11.18
N ILE B 135 -6.06 8.60 11.01
CA ILE B 135 -7.15 8.10 10.18
C ILE B 135 -8.54 8.33 10.76
N GLN B 136 -8.73 8.02 12.04
CA GLN B 136 -10.03 8.18 12.66
C GLN B 136 -10.65 9.56 12.46
N GLY B 137 -9.86 10.62 12.67
CA GLY B 137 -10.37 11.97 12.51
C GLY B 137 -10.78 12.33 11.10
N ALA B 138 -10.32 11.57 10.11
CA ALA B 138 -10.66 11.84 8.71
C ALA B 138 -11.66 10.83 8.15
N ALA B 139 -11.90 9.75 8.88
CA ALA B 139 -12.77 8.67 8.44
C ALA B 139 -14.19 9.03 8.00
N ASP B 140 -14.90 9.86 8.76
CA ASP B 140 -16.26 10.21 8.36
C ASP B 140 -16.23 10.97 7.03
N GLU B 141 -15.28 11.87 6.87
CA GLU B 141 -15.17 12.63 5.64
C GLU B 141 -14.73 11.74 4.48
N ILE B 142 -13.90 10.74 4.76
CA ILE B 142 -13.46 9.82 3.71
C ILE B 142 -14.69 9.04 3.23
N ALA B 143 -15.52 8.62 4.18
CA ALA B 143 -16.73 7.88 3.84
C ALA B 143 -17.67 8.74 2.99
N ARG B 144 -17.84 10.00 3.37
CA ARG B 144 -18.70 10.91 2.62
C ARG B 144 -18.14 11.12 1.22
N MET B 145 -16.82 11.18 1.12
CA MET B 145 -16.15 11.35 -0.17
C MET B 145 -16.52 10.16 -1.06
N GLY B 146 -16.48 8.96 -0.50
CA GLY B 146 -16.85 7.78 -1.26
C GLY B 146 -18.30 7.85 -1.71
N VAL B 147 -19.18 8.22 -0.79
CA VAL B 147 -20.60 8.32 -1.11
C VAL B 147 -20.82 9.33 -2.25
N ASP B 148 -20.14 10.46 -2.18
CA ASP B 148 -20.28 11.50 -3.21
C ASP B 148 -19.78 11.05 -4.57
N LEU B 149 -18.87 10.09 -4.60
CA LEU B 149 -18.32 9.57 -5.85
C LEU B 149 -19.03 8.32 -6.33
N GLY B 150 -20.07 7.91 -5.61
CA GLY B 150 -20.82 6.73 -6.00
C GLY B 150 -20.21 5.40 -5.60
N VAL B 151 -19.25 5.42 -4.68
CA VAL B 151 -18.65 4.18 -4.22
C VAL B 151 -19.74 3.40 -3.48
N LYS B 152 -19.83 2.10 -3.75
CA LYS B 152 -20.86 1.28 -3.12
C LYS B 152 -20.31 0.24 -2.14
N ASN B 153 -18.99 0.03 -2.14
CA ASN B 153 -18.36 -0.95 -1.27
C ASN B 153 -17.38 -0.28 -0.33
N TYR B 154 -17.48 -0.60 0.95
CA TYR B 154 -16.65 0.01 1.98
C TYR B 154 -16.06 -0.99 2.98
N VAL B 155 -15.01 -0.54 3.67
CA VAL B 155 -14.34 -1.32 4.70
C VAL B 155 -14.25 -0.46 5.96
N GLY B 156 -14.72 -0.99 7.09
CA GLY B 156 -14.72 -0.28 8.36
C GLY B 156 -14.26 -1.21 9.47
N PRO B 157 -13.81 -0.67 10.61
CA PRO B 157 -13.32 -1.43 11.77
C PRO B 157 -14.25 -2.17 12.72
N SER B 158 -14.02 -3.48 12.86
CA SER B 158 -14.80 -4.31 13.77
C SER B 158 -14.46 -3.95 15.22
N THR B 159 -13.24 -3.47 15.43
CA THR B 159 -12.74 -3.12 16.76
C THR B 159 -13.35 -1.87 17.38
N ARG B 160 -14.09 -1.09 16.59
CA ARG B 160 -14.72 0.12 17.10
C ARG B 160 -16.17 0.11 16.62
N PRO B 161 -17.03 -0.62 17.33
CA PRO B 161 -18.45 -0.73 16.99
C PRO B 161 -19.21 0.56 16.76
N GLU B 162 -18.99 1.57 17.60
CA GLU B 162 -19.70 2.84 17.39
C GLU B 162 -19.20 3.58 16.15
N ARG B 163 -17.94 3.36 15.80
CA ARG B 163 -17.38 4.00 14.61
C ARG B 163 -17.95 3.27 13.39
N LEU B 164 -18.03 1.95 13.46
CA LEU B 164 -18.57 1.15 12.36
C LEU B 164 -20.04 1.53 12.15
N SER B 165 -20.76 1.75 13.25
CA SER B 165 -22.16 2.15 13.20
C SER B 165 -22.31 3.49 12.51
N ARG B 166 -21.43 4.43 12.84
CA ARG B 166 -21.46 5.75 12.24
C ARG B 166 -21.17 5.64 10.75
N LEU B 167 -20.22 4.78 10.38
CA LEU B 167 -19.87 4.59 8.98
C LEU B 167 -21.09 4.08 8.22
N ARG B 168 -21.80 3.11 8.79
CA ARG B 168 -23.01 2.59 8.15
C ARG B 168 -24.03 3.69 7.94
N GLU B 169 -24.18 4.57 8.93
CA GLU B 169 -25.13 5.66 8.80
C GLU B 169 -24.77 6.58 7.64
N ILE B 170 -23.49 6.84 7.46
CA ILE B 170 -23.02 7.70 6.39
C ILE B 170 -23.21 7.09 5.00
N ILE B 171 -22.87 5.82 4.85
CA ILE B 171 -22.97 5.18 3.54
C ILE B 171 -24.36 4.68 3.17
N GLY B 172 -25.27 4.61 4.15
CA GLY B 172 -26.62 4.17 3.86
C GLY B 172 -26.77 2.65 3.91
N GLN B 173 -28.02 2.19 3.96
CA GLN B 173 -28.31 0.77 4.02
C GLN B 173 -28.00 0.00 2.75
N ASP B 174 -28.04 0.69 1.61
CA ASP B 174 -27.79 0.05 0.32
C ASP B 174 -26.32 -0.31 0.06
N SER B 175 -25.40 0.44 0.65
CA SER B 175 -23.98 0.18 0.46
C SER B 175 -23.54 -1.14 1.09
N PHE B 176 -22.50 -1.74 0.52
CA PHE B 176 -21.96 -2.99 1.02
C PHE B 176 -20.78 -2.65 1.93
N LEU B 177 -20.80 -3.19 3.14
CA LEU B 177 -19.75 -2.92 4.12
C LEU B 177 -19.15 -4.19 4.69
N ILE B 178 -17.83 -4.32 4.58
CA ILE B 178 -17.14 -5.48 5.14
C ILE B 178 -16.22 -4.96 6.25
N SER B 179 -15.91 -5.82 7.21
CA SER B 179 -15.16 -5.37 8.37
C SER B 179 -14.14 -6.34 8.95
N PRO B 180 -12.87 -5.90 9.03
CA PRO B 180 -11.78 -6.73 9.57
C PRO B 180 -11.57 -6.38 11.04
N GLY B 181 -10.83 -7.22 11.75
CA GLY B 181 -10.57 -6.99 13.16
C GLY B 181 -11.35 -7.96 14.04
N VAL B 182 -12.01 -8.93 13.40
CA VAL B 182 -12.78 -9.94 14.11
C VAL B 182 -11.89 -11.10 14.53
N GLY B 183 -11.98 -11.47 15.81
CA GLY B 183 -11.16 -12.57 16.30
C GLY B 183 -9.86 -12.13 16.93
N ALA B 184 -8.76 -12.30 16.21
CA ALA B 184 -7.43 -11.94 16.72
C ALA B 184 -7.35 -10.52 17.28
N GLN B 185 -7.96 -9.56 16.59
CA GLN B 185 -7.92 -8.17 17.04
C GLN B 185 -8.97 -7.81 18.09
N GLY B 186 -9.82 -8.78 18.44
CA GLY B 186 -10.81 -8.55 19.47
C GLY B 186 -12.25 -8.30 19.06
N GLY B 187 -12.50 -8.11 17.77
CA GLY B 187 -13.85 -7.87 17.32
C GLY B 187 -14.76 -9.08 17.45
N ASP B 188 -16.04 -8.82 17.72
CA ASP B 188 -17.02 -9.89 17.87
C ASP B 188 -17.81 -10.05 16.57
N PRO B 189 -17.94 -11.29 16.09
CA PRO B 189 -18.67 -11.55 14.84
C PRO B 189 -20.09 -10.97 14.81
N GLY B 190 -20.89 -11.37 15.80
CA GLY B 190 -22.28 -10.91 15.87
C GLY B 190 -22.43 -9.39 15.98
N GLU B 191 -21.68 -8.78 16.90
CA GLU B 191 -21.77 -7.35 17.09
C GLU B 191 -21.39 -6.61 15.82
N THR B 192 -20.33 -7.07 15.16
CA THR B 192 -19.87 -6.44 13.93
C THR B 192 -20.93 -6.52 12.84
N LEU B 193 -21.63 -7.64 12.78
CA LEU B 193 -22.66 -7.83 11.76
C LEU B 193 -23.95 -7.06 12.01
N ARG B 194 -23.97 -6.27 13.08
CA ARG B 194 -25.14 -5.43 13.35
C ARG B 194 -25.08 -4.29 12.33
N PHE B 195 -23.85 -3.99 11.88
CA PHE B 195 -23.63 -2.90 10.94
C PHE B 195 -23.02 -3.32 9.60
N ALA B 196 -22.08 -4.25 9.62
CA ALA B 196 -21.42 -4.73 8.41
C ALA B 196 -22.22 -5.87 7.79
N ASP B 197 -22.09 -6.00 6.47
CA ASP B 197 -22.78 -7.07 5.73
C ASP B 197 -21.98 -8.37 5.79
N ALA B 198 -20.67 -8.24 5.97
CA ALA B 198 -19.79 -9.41 6.05
C ALA B 198 -18.58 -9.08 6.90
N ILE B 199 -18.03 -10.11 7.53
CA ILE B 199 -16.85 -9.95 8.35
C ILE B 199 -15.64 -10.60 7.70
N ILE B 200 -14.48 -9.98 7.90
CA ILE B 200 -13.22 -10.49 7.38
C ILE B 200 -12.55 -11.16 8.57
N VAL B 201 -12.14 -12.41 8.40
CA VAL B 201 -11.49 -13.16 9.47
C VAL B 201 -10.24 -13.84 8.93
N GLY B 202 -9.11 -13.59 9.58
CA GLY B 202 -7.85 -14.19 9.17
C GLY B 202 -7.30 -15.21 10.14
N ARG B 203 -6.40 -14.76 11.01
CA ARG B 203 -5.75 -15.63 11.99
C ARG B 203 -6.63 -16.55 12.82
N SER B 204 -7.78 -16.05 13.27
CA SER B 204 -8.69 -16.88 14.06
C SER B 204 -9.04 -18.16 13.32
N ILE B 205 -8.91 -18.13 12.00
CA ILE B 205 -9.18 -19.31 11.21
C ILE B 205 -7.89 -19.99 10.71
N TYR B 206 -7.06 -19.26 9.96
CA TYR B 206 -5.86 -19.88 9.41
C TYR B 206 -4.74 -20.28 10.37
N LEU B 207 -4.78 -19.80 11.61
CA LEU B 207 -3.77 -20.15 12.59
C LEU B 207 -4.34 -21.15 13.60
N ALA B 208 -5.64 -21.41 13.51
CA ALA B 208 -6.31 -22.34 14.41
C ALA B 208 -5.82 -23.77 14.22
N ASP B 209 -5.91 -24.57 15.29
CA ASP B 209 -5.50 -25.97 15.23
C ASP B 209 -6.36 -26.69 14.20
N ASN B 210 -7.63 -26.30 14.14
CA ASN B 210 -8.58 -26.89 13.20
C ASN B 210 -9.33 -25.75 12.51
N PRO B 211 -8.79 -25.25 11.38
CA PRO B 211 -9.41 -24.15 10.65
C PRO B 211 -10.90 -24.36 10.34
N ALA B 212 -11.27 -25.56 9.92
CA ALA B 212 -12.66 -25.87 9.60
C ALA B 212 -13.55 -25.68 10.83
N ALA B 213 -13.09 -26.21 11.97
CA ALA B 213 -13.85 -26.08 13.21
C ALA B 213 -13.97 -24.61 13.61
N ALA B 214 -12.90 -23.85 13.40
CA ALA B 214 -12.91 -22.44 13.74
C ALA B 214 -13.94 -21.70 12.89
N ALA B 215 -13.94 -21.97 11.60
CA ALA B 215 -14.88 -21.33 10.69
C ALA B 215 -16.31 -21.72 11.04
N ALA B 216 -16.52 -23.02 11.28
CA ALA B 216 -17.85 -23.52 11.64
C ALA B 216 -18.33 -22.89 12.94
N GLY B 217 -17.41 -22.68 13.88
CA GLY B 217 -17.79 -22.08 15.15
C GLY B 217 -18.26 -20.64 14.98
N ILE B 218 -17.57 -19.89 14.14
CA ILE B 218 -17.93 -18.50 13.89
C ILE B 218 -19.32 -18.46 13.26
N ILE B 219 -19.53 -19.30 12.26
CA ILE B 219 -20.82 -19.36 11.57
C ILE B 219 -21.93 -19.77 12.53
N GLU B 220 -21.61 -20.68 13.45
CA GLU B 220 -22.58 -21.15 14.44
C GLU B 220 -23.02 -19.99 15.32
N SER B 221 -22.08 -19.12 15.68
CA SER B 221 -22.37 -17.99 16.55
C SER B 221 -23.21 -16.90 15.87
N ILE B 222 -23.33 -16.98 14.54
CA ILE B 222 -24.10 -15.99 13.81
C ILE B 222 -25.22 -16.61 12.97
N LYS B 223 -25.65 -17.81 13.33
CA LYS B 223 -26.71 -18.52 12.62
C LYS B 223 -27.85 -17.59 12.20
F5 5FU C . 4.85 8.93 -1.75
C5 5FU C . 4.82 9.31 -3.09
C4 5FU C . 4.42 10.57 -3.46
O4 5FU C . 4.03 11.45 -2.64
N3 5FU C . 4.45 10.93 -4.77
C2 5FU C . 4.92 10.08 -5.73
O2 5FU C . 4.97 10.46 -6.91
C6 5FU C . 5.20 8.39 -4.07
N1 5FU C . 5.35 8.80 -5.35
C1' 5FU C . 6.00 7.85 -6.27
O4' 5FU C . 7.18 8.50 -6.83
C2' 5FU C . 5.19 7.40 -7.47
O2' 5FU C . 4.38 6.26 -7.22
C3' 5FU C . 6.23 7.15 -8.51
O3' 5FU C . 6.79 5.84 -8.34
C4' 5FU C . 7.26 8.22 -8.25
C5' 5FU C . 7.01 9.51 -9.00
O5' 5FU C . 7.32 9.25 -10.37
P 5FU C . 7.17 10.37 -11.51
O1P 5FU C . 6.94 9.52 -12.71
O2P 5FU C . 6.00 11.25 -11.16
O3P 5FU C . 8.48 11.10 -11.56
CL CL D . 7.07 5.47 -3.36
F5 5FU E . -7.90 -2.10 6.31
C5 5FU E . -7.58 -3.07 7.24
C4 5FU E . -7.83 -2.88 8.58
O4 5FU E . -8.29 -1.80 9.06
N3 5FU E . -7.58 -3.88 9.46
C2 5FU E . -7.12 -5.11 9.03
O2 5FU E . -6.93 -6.00 9.87
C6 5FU E . -7.03 -4.26 6.81
N1 5FU E . -6.90 -5.30 7.67
C1' 5FU E . -6.54 -6.62 7.09
O4' 5FU E . -7.59 -7.57 7.44
C2' 5FU E . -5.25 -7.25 7.56
O2' 5FU E . -4.12 -6.85 6.80
C3' 5FU E . -5.55 -8.71 7.46
O3' 5FU E . -5.30 -9.16 6.12
C4' 5FU E . -6.98 -8.82 7.83
C5' 5FU E . -7.23 -9.01 9.32
O5' 5FU E . -6.84 -10.35 9.62
P 5FU E . -6.92 -10.96 11.11
O1P 5FU E . -5.85 -12.00 11.06
O2P 5FU E . -6.63 -9.87 12.10
O3P 5FU E . -8.28 -11.56 11.27
CL CL F . -7.12 -5.36 3.45
#